data_1EWF
#
_entry.id   1EWF
#
_cell.length_a   184.320
_cell.length_b   31.230
_cell.length_c   80.660
_cell.angle_alpha   90.00
_cell.angle_beta   103.20
_cell.angle_gamma   90.00
#
_symmetry.space_group_name_H-M   'C 1 2 1'
#
loop_
_entity.id
_entity.type
_entity.pdbx_description
1 polymer 'BACTERICIDAL/PERMEABILITY-INCREASING PROTEIN'
2 non-polymer 1,2-DIACYL-SN-GLYCERO-3-PHOSPHOCHOLINE
3 water water
#
_entity_poly.entity_id   1
_entity_poly.type   'polypeptide(L)'
_entity_poly.pdbx_seq_one_letter_code
;VNPGVVVRISQKGLDYASQQGTAALQKELKRIKIPDYSDSFKIKHLGKGHYSFYSMDIREFQLPSSQISMVPNVGLKFSI
SNANIKISGKWKAQKRFLKMSGNFDLSIEGMSISADLKLGSNPTSGKPTITCSSCSSHINSVHVHISKSKVGWLIQLFHK
KIESALRNKMNSQVCEKVTNSVSSELQPYFQTLPVMTKIDSVAGINYGLVAPPATTAETLDVQMKGEFYSENHHNPPPFA
PPVMEFPAAHDRMVYLGLSDYFFNTAGLVYQEAGVLKMTLRDDMIPKESKFRLTTKFFGTFLPEVAKKFPNMKIQIHVSA
STPPHLSVQPTGLTFYPAVDVQAFAVLPNSALASLFLIGMHTTGSMEVSAESNRLVGELKLDRLLLELKHSNIGPFPVEL
LQDIMNYIVPILVLPRVNEKLQKGFPLPTPARVQLYNVVLQPHQNFLLFGADVVYK
;
_entity_poly.pdbx_strand_id   A
#
loop_
_chem_comp.id
_chem_comp.type
_chem_comp.name
_chem_comp.formula
PC1 non-polymer 1,2-DIACYL-SN-GLYCERO-3-PHOSPHOCHOLINE 'C44 H88 N O8 P'
#
# COMPACT_ATOMS: atom_id res chain seq x y z
N VAL A 1 4.86 13.90 13.28
CA VAL A 1 4.34 13.29 14.55
C VAL A 1 2.95 12.70 14.37
N ASN A 2 2.01 13.49 13.85
CA ASN A 2 0.64 12.99 13.62
C ASN A 2 0.32 12.94 12.13
N PRO A 3 0.53 11.80 11.51
CA PRO A 3 0.22 11.74 10.09
C PRO A 3 -1.31 11.63 9.84
N GLY A 4 -1.69 11.88 8.59
CA GLY A 4 -3.09 11.71 8.16
C GLY A 4 -3.42 10.22 7.95
N VAL A 5 -2.37 9.46 7.61
CA VAL A 5 -2.51 8.03 7.34
C VAL A 5 -1.29 7.29 7.89
N VAL A 6 -1.51 6.16 8.55
CA VAL A 6 -0.35 5.36 9.04
C VAL A 6 -0.47 3.94 8.54
N VAL A 7 0.66 3.35 8.16
CA VAL A 7 0.70 1.94 7.74
C VAL A 7 1.66 1.29 8.75
N ARG A 8 1.10 0.37 9.55
CA ARG A 8 1.83 -0.35 10.54
C ARG A 8 2.05 -1.78 10.06
N ILE A 9 3.31 -2.20 9.95
CA ILE A 9 3.61 -3.58 9.54
C ILE A 9 3.94 -4.40 10.81
N SER A 10 3.23 -5.54 10.97
CA SER A 10 3.38 -6.41 12.12
C SER A 10 4.50 -7.43 11.87
N GLN A 11 4.83 -8.19 12.90
CA GLN A 11 5.87 -9.23 12.77
C GLN A 11 5.38 -10.23 11.71
N LYS A 12 4.06 -10.47 11.67
CA LYS A 12 3.50 -11.38 10.64
C LYS A 12 3.79 -10.86 9.22
N GLY A 13 3.63 -9.56 9.00
CA GLY A 13 3.92 -8.99 7.70
C GLY A 13 5.41 -9.03 7.37
N LEU A 14 6.24 -8.78 8.36
CA LEU A 14 7.67 -8.84 8.12
C LEU A 14 8.07 -10.30 7.90
N ASP A 15 7.38 -11.27 8.54
CA ASP A 15 7.70 -12.73 8.35
C ASP A 15 7.39 -13.03 6.84
N TYR A 16 6.29 -12.50 6.33
CA TYR A 16 5.97 -12.72 4.92
C TYR A 16 6.97 -11.99 3.99
N ALA A 17 7.33 -10.75 4.34
CA ALA A 17 8.26 -10.04 3.48
C ALA A 17 9.59 -10.79 3.44
N SER A 18 9.96 -11.37 4.58
CA SER A 18 11.24 -12.11 4.69
C SER A 18 11.24 -13.28 3.67
N GLN A 19 10.13 -14.03 3.63
CA GLN A 19 9.97 -15.17 2.75
C GLN A 19 10.09 -14.75 1.28
N GLN A 20 9.50 -13.60 0.93
CA GLN A 20 9.58 -13.13 -0.45
C GLN A 20 10.96 -12.65 -0.83
N GLY A 21 11.63 -11.92 0.08
CA GLY A 21 12.96 -11.43 -0.26
C GLY A 21 13.96 -12.59 -0.31
N THR A 22 13.70 -13.61 0.49
CA THR A 22 14.60 -14.77 0.51
C THR A 22 14.47 -15.51 -0.83
N ALA A 23 13.25 -15.56 -1.36
CA ALA A 23 13.04 -16.23 -2.66
C ALA A 23 13.82 -15.53 -3.74
N ALA A 24 13.76 -14.20 -3.77
CA ALA A 24 14.50 -13.45 -4.76
C ALA A 24 16.00 -13.63 -4.57
N LEU A 25 16.45 -13.53 -3.33
CA LEU A 25 17.87 -13.66 -3.04
C LEU A 25 18.43 -15.05 -3.41
N GLN A 26 17.61 -16.08 -3.23
N GLN A 26 17.62 -16.08 -3.23
CA GLN A 26 18.01 -17.45 -3.52
CA GLN A 26 18.04 -17.45 -3.52
C GLN A 26 18.41 -17.65 -4.99
C GLN A 26 18.42 -17.65 -4.99
N LYS A 27 17.67 -17.00 -5.89
CA LYS A 27 17.98 -17.12 -7.32
C LYS A 27 19.32 -16.43 -7.63
N GLU A 28 19.58 -15.30 -6.99
CA GLU A 28 20.82 -14.55 -7.20
C GLU A 28 22.03 -15.25 -6.58
N LEU A 29 21.83 -15.87 -5.43
CA LEU A 29 22.92 -16.57 -4.77
C LEU A 29 23.34 -17.76 -5.60
N LYS A 30 22.35 -18.40 -6.19
CA LYS A 30 22.59 -19.56 -7.02
C LYS A 30 23.45 -19.22 -8.23
N ARG A 31 23.54 -17.93 -8.56
CA ARG A 31 24.35 -17.48 -9.72
C ARG A 31 25.80 -17.14 -9.35
N ILE A 32 26.15 -17.23 -8.08
CA ILE A 32 27.53 -16.95 -7.68
C ILE A 32 28.46 -17.82 -8.55
N LYS A 33 29.51 -17.20 -9.06
CA LYS A 33 30.48 -17.93 -9.85
C LYS A 33 31.65 -18.29 -8.93
N ILE A 34 31.78 -19.59 -8.65
CA ILE A 34 32.85 -20.05 -7.77
C ILE A 34 34.17 -20.21 -8.56
N PRO A 35 35.27 -19.65 -8.03
CA PRO A 35 36.60 -19.73 -8.67
C PRO A 35 37.15 -21.17 -8.69
N ASP A 36 38.03 -21.46 -9.64
CA ASP A 36 38.74 -22.75 -9.69
C ASP A 36 39.84 -22.66 -8.63
N TYR A 37 40.21 -23.80 -8.03
CA TYR A 37 41.28 -23.86 -7.04
C TYR A 37 42.35 -24.89 -7.45
N SER A 38 43.60 -24.49 -7.60
CA SER A 38 44.65 -25.45 -7.97
C SER A 38 45.76 -25.37 -6.96
N ASP A 39 46.53 -26.45 -6.80
CA ASP A 39 47.64 -26.48 -5.85
C ASP A 39 48.59 -27.63 -6.15
N SER A 40 49.64 -27.76 -5.35
CA SER A 40 50.62 -28.83 -5.52
C SER A 40 50.77 -29.66 -4.25
N PHE A 41 51.39 -30.84 -4.37
CA PHE A 41 51.62 -31.70 -3.21
C PHE A 41 52.89 -32.53 -3.34
N LYS A 42 53.22 -33.19 -2.23
CA LYS A 42 54.33 -34.12 -2.04
C LYS A 42 53.59 -35.06 -1.09
N ILE A 43 52.68 -35.87 -1.64
CA ILE A 43 51.84 -36.79 -0.86
C ILE A 43 51.08 -37.66 -1.87
N LYS A 44 51.64 -38.85 -2.06
CA LYS A 44 51.21 -39.90 -2.98
C LYS A 44 49.84 -40.13 -3.64
N HIS A 45 49.93 -41.20 -4.43
CA HIS A 45 49.00 -41.84 -5.34
C HIS A 45 50.28 -42.15 -6.14
N LEU A 46 51.31 -41.47 -5.61
CA LEU A 46 52.72 -41.43 -6.01
C LEU A 46 53.22 -39.97 -5.83
N GLY A 47 54.02 -39.76 -4.78
CA GLY A 47 54.63 -38.47 -4.39
C GLY A 47 54.40 -37.06 -4.97
N LYS A 48 54.97 -36.83 -6.14
CA LYS A 48 55.00 -35.60 -6.98
C LYS A 48 54.01 -34.38 -7.10
N GLY A 49 53.14 -34.57 -8.07
CA GLY A 49 52.12 -33.64 -8.51
C GLY A 49 51.45 -32.35 -8.11
N HIS A 50 50.38 -32.19 -8.84
CA HIS A 50 49.49 -31.05 -8.80
C HIS A 50 48.07 -31.56 -8.87
N TYR A 51 47.15 -30.70 -8.48
CA TYR A 51 45.76 -31.10 -8.55
C TYR A 51 44.88 -29.85 -8.68
N SER A 52 43.62 -30.02 -9.07
CA SER A 52 42.74 -28.86 -9.16
C SER A 52 41.27 -29.25 -8.98
N PHE A 53 40.49 -28.35 -8.38
CA PHE A 53 39.03 -28.55 -8.23
C PHE A 53 38.48 -27.39 -9.09
N TYR A 54 37.79 -27.72 -10.19
CA TYR A 54 37.36 -26.66 -11.09
C TYR A 54 36.00 -26.78 -11.77
N SER A 55 35.63 -25.77 -12.55
CA SER A 55 34.30 -25.72 -13.23
C SER A 55 33.16 -26.08 -12.27
N MET A 56 33.17 -25.44 -11.11
CA MET A 56 32.15 -25.70 -10.11
C MET A 56 30.89 -24.90 -10.42
N ASP A 57 29.74 -25.48 -10.12
N ASP A 57 29.73 -25.47 -10.13
CA ASP A 57 28.45 -24.85 -10.34
CA ASP A 57 28.45 -24.83 -10.35
C ASP A 57 27.56 -25.12 -9.14
C ASP A 57 27.56 -25.12 -9.14
N ILE A 58 26.78 -24.13 -8.72
CA ILE A 58 25.88 -24.32 -7.61
C ILE A 58 24.60 -25.01 -8.17
N ARG A 59 24.37 -26.25 -7.75
CA ARG A 59 23.20 -27.02 -8.17
C ARG A 59 22.00 -26.65 -7.30
N GLU A 60 22.26 -26.43 -6.02
CA GLU A 60 21.20 -26.03 -5.07
C GLU A 60 21.72 -25.10 -3.96
N PHE A 61 20.93 -24.07 -3.62
CA PHE A 61 21.31 -23.13 -2.54
C PHE A 61 20.02 -23.10 -1.71
N GLN A 62 19.97 -23.98 -0.71
CA GLN A 62 18.82 -24.19 0.17
C GLN A 62 18.80 -23.17 1.29
N LEU A 63 17.70 -22.44 1.39
CA LEU A 63 17.52 -21.43 2.44
C LEU A 63 16.20 -21.82 3.06
N PRO A 64 16.23 -22.82 3.95
CA PRO A 64 15.14 -23.47 4.70
C PRO A 64 14.25 -22.53 5.51
N SER A 65 14.89 -21.57 6.16
CA SER A 65 14.15 -20.60 6.95
C SER A 65 14.96 -19.33 7.03
N SER A 66 14.25 -18.23 7.23
CA SER A 66 14.85 -16.92 7.31
C SER A 66 13.96 -16.17 8.27
N GLN A 67 14.43 -15.03 8.76
CA GLN A 67 13.61 -14.23 9.67
C GLN A 67 13.96 -12.79 9.51
N ILE A 68 13.03 -11.89 9.89
CA ILE A 68 13.34 -10.46 9.91
C ILE A 68 13.08 -10.12 11.39
N SER A 69 14.07 -9.53 12.08
CA SER A 69 13.95 -9.18 13.50
C SER A 69 13.75 -7.68 13.59
N MET A 70 12.85 -7.25 14.47
CA MET A 70 12.67 -5.80 14.64
C MET A 70 13.58 -5.38 15.79
N VAL A 71 14.56 -4.51 15.50
CA VAL A 71 15.53 -4.01 16.53
C VAL A 71 14.99 -2.61 16.90
N PRO A 72 14.41 -2.48 18.10
CA PRO A 72 13.84 -1.19 18.44
C PRO A 72 14.72 0.03 18.28
N ASN A 73 14.20 1.03 17.56
CA ASN A 73 14.85 2.31 17.30
C ASN A 73 16.13 2.22 16.50
N VAL A 74 16.37 1.07 15.87
CA VAL A 74 17.57 0.89 15.09
C VAL A 74 17.20 0.52 13.65
N GLY A 75 16.33 -0.47 13.48
CA GLY A 75 15.99 -0.91 12.14
C GLY A 75 15.66 -2.41 12.09
N LEU A 76 15.92 -3.04 10.96
CA LEU A 76 15.62 -4.47 10.81
C LEU A 76 16.87 -5.31 10.67
N LYS A 77 16.79 -6.58 11.10
CA LYS A 77 17.92 -7.49 10.92
C LYS A 77 17.39 -8.68 10.11
N PHE A 78 17.99 -8.93 8.94
CA PHE A 78 17.60 -10.06 8.09
C PHE A 78 18.59 -11.24 8.40
N SER A 79 18.06 -12.44 8.65
N SER A 79 18.05 -12.43 8.64
CA SER A 79 18.94 -13.57 8.95
CA SER A 79 18.91 -13.58 8.93
C SER A 79 18.46 -14.90 8.35
C SER A 79 18.46 -14.86 8.26
N ILE A 80 19.45 -15.69 7.96
CA ILE A 80 19.23 -17.00 7.37
C ILE A 80 20.07 -17.88 8.27
N SER A 81 19.44 -18.89 8.88
CA SER A 81 20.18 -19.67 9.86
C SER A 81 20.95 -20.94 9.57
N ASN A 82 20.34 -21.80 8.79
CA ASN A 82 20.90 -23.12 8.51
C ASN A 82 20.82 -23.41 7.02
N ALA A 83 21.43 -22.55 6.23
CA ALA A 83 21.44 -22.70 4.77
C ALA A 83 22.44 -23.80 4.33
N ASN A 84 22.20 -24.41 3.18
CA ASN A 84 23.16 -25.43 2.71
C ASN A 84 23.32 -25.30 1.20
N ILE A 85 24.55 -25.48 0.72
CA ILE A 85 24.78 -25.32 -0.71
C ILE A 85 25.28 -26.65 -1.25
N LYS A 86 24.76 -27.06 -2.40
CA LYS A 86 25.24 -28.28 -3.05
C LYS A 86 25.93 -27.82 -4.33
N ILE A 87 27.20 -28.22 -4.51
CA ILE A 87 27.97 -27.80 -5.67
C ILE A 87 28.53 -29.04 -6.37
N SER A 88 28.57 -28.99 -7.71
N SER A 88 28.63 -28.98 -7.69
CA SER A 88 29.12 -30.12 -8.52
CA SER A 88 29.23 -30.08 -8.40
C SER A 88 30.25 -29.53 -9.39
C SER A 88 30.40 -29.45 -9.15
N GLY A 89 31.34 -30.27 -9.54
CA GLY A 89 32.48 -29.79 -10.30
C GLY A 89 33.35 -30.93 -10.78
N LYS A 90 34.51 -30.59 -11.33
CA LYS A 90 35.45 -31.56 -11.87
C LYS A 90 36.74 -31.45 -11.08
N TRP A 91 37.46 -32.56 -10.96
CA TRP A 91 38.75 -32.54 -10.27
C TRP A 91 39.78 -33.25 -11.17
N LYS A 92 41.06 -32.98 -10.97
CA LYS A 92 42.10 -33.71 -11.73
C LYS A 92 43.37 -33.68 -10.88
N ALA A 93 44.20 -34.70 -10.99
CA ALA A 93 45.44 -34.71 -10.22
C ALA A 93 46.49 -35.38 -11.08
N GLN A 94 47.75 -35.05 -10.82
CA GLN A 94 48.84 -35.64 -11.59
C GLN A 94 50.06 -35.90 -10.74
N LYS A 95 50.67 -37.06 -10.95
CA LYS A 95 51.86 -37.48 -10.23
C LYS A 95 52.70 -38.14 -11.35
N ARG A 96 53.78 -37.48 -11.69
CA ARG A 96 54.67 -37.92 -12.78
C ARG A 96 53.81 -37.98 -14.05
N PHE A 97 53.61 -39.17 -14.62
CA PHE A 97 52.83 -39.23 -15.86
C PHE A 97 51.41 -39.71 -15.64
N LEU A 98 51.11 -40.09 -14.41
CA LEU A 98 49.77 -40.60 -14.12
C LEU A 98 48.78 -39.44 -14.00
N LYS A 99 47.69 -39.53 -14.77
CA LYS A 99 46.67 -38.49 -14.78
C LYS A 99 45.40 -39.12 -14.21
N MET A 100 44.78 -38.44 -13.24
CA MET A 100 43.56 -38.94 -12.61
C MET A 100 42.54 -37.82 -12.76
N SER A 101 41.26 -38.16 -12.92
CA SER A 101 40.28 -37.09 -13.07
C SER A 101 38.86 -37.63 -12.82
N GLY A 102 37.91 -36.71 -12.64
CA GLY A 102 36.54 -37.15 -12.39
C GLY A 102 35.63 -36.03 -11.96
N ASN A 103 34.49 -36.39 -11.37
CA ASN A 103 33.53 -35.40 -10.87
C ASN A 103 33.58 -35.40 -9.33
N PHE A 104 33.14 -34.30 -8.75
CA PHE A 104 33.01 -34.26 -7.28
C PHE A 104 31.77 -33.45 -6.91
N ASP A 105 31.26 -33.70 -5.71
CA ASP A 105 30.13 -32.96 -5.17
C ASP A 105 30.63 -32.38 -3.89
N LEU A 106 30.28 -31.12 -3.65
CA LEU A 106 30.71 -30.44 -2.44
C LEU A 106 29.45 -29.99 -1.71
N SER A 107 29.41 -30.22 -0.40
N SER A 107 29.41 -30.21 -0.40
CA SER A 107 28.28 -29.84 0.43
CA SER A 107 28.26 -29.81 0.40
C SER A 107 28.74 -28.81 1.47
C SER A 107 28.73 -28.81 1.46
N ILE A 108 28.18 -27.59 1.43
CA ILE A 108 28.52 -26.57 2.40
C ILE A 108 27.31 -26.58 3.33
N GLU A 109 27.55 -26.87 4.60
CA GLU A 109 26.49 -27.04 5.58
C GLU A 109 26.47 -26.06 6.73
N GLY A 110 25.27 -25.80 7.22
CA GLY A 110 25.17 -24.91 8.38
C GLY A 110 25.67 -23.49 8.16
N MET A 111 25.28 -22.87 7.05
CA MET A 111 25.73 -21.51 6.76
C MET A 111 24.76 -20.51 7.39
N SER A 112 25.29 -19.52 8.08
CA SER A 112 24.39 -18.53 8.67
C SER A 112 24.76 -17.17 8.07
N ILE A 113 23.75 -16.42 7.66
CA ILE A 113 23.95 -15.11 7.04
C ILE A 113 23.14 -14.04 7.79
N SER A 114 23.72 -12.88 7.98
CA SER A 114 22.89 -11.85 8.62
C SER A 114 23.25 -10.44 8.13
N ALA A 115 22.21 -9.61 7.94
CA ALA A 115 22.40 -8.26 7.41
C ALA A 115 21.51 -7.25 8.12
N ASP A 116 22.12 -6.13 8.51
CA ASP A 116 21.37 -5.07 9.20
C ASP A 116 20.85 -4.06 8.18
N LEU A 117 19.56 -3.72 8.28
CA LEU A 117 18.95 -2.79 7.33
C LEU A 117 18.51 -1.51 8.06
N LYS A 118 19.00 -0.35 7.61
CA LYS A 118 18.63 0.94 8.22
C LYS A 118 17.55 1.51 7.30
N LEU A 119 16.41 1.82 7.89
CA LEU A 119 15.28 2.38 7.13
C LEU A 119 15.24 3.89 7.35
N GLY A 120 14.92 4.65 6.31
CA GLY A 120 14.85 6.10 6.46
C GLY A 120 13.85 6.69 5.47
N SER A 121 13.86 8.01 5.35
CA SER A 121 12.98 8.68 4.38
C SER A 121 13.70 9.92 3.84
N ASN A 122 13.39 10.29 2.59
CA ASN A 122 13.94 11.49 1.95
C ASN A 122 12.84 12.53 2.22
N PRO A 123 13.09 13.48 3.12
CA PRO A 123 12.10 14.51 3.50
C PRO A 123 11.48 15.42 2.42
N THR A 124 12.24 15.66 1.37
CA THR A 124 11.79 16.49 0.27
C THR A 124 10.85 15.69 -0.66
N SER A 125 11.26 14.48 -1.03
CA SER A 125 10.46 13.67 -1.97
C SER A 125 9.37 12.81 -1.34
N GLY A 126 9.44 12.62 -0.01
CA GLY A 126 8.47 11.78 0.67
C GLY A 126 8.66 10.29 0.36
N LYS A 127 9.83 9.90 -0.17
CA LYS A 127 10.08 8.49 -0.51
C LYS A 127 10.93 7.77 0.55
N PRO A 128 10.72 6.46 0.75
CA PRO A 128 11.47 5.66 1.73
C PRO A 128 12.91 5.32 1.27
N THR A 129 13.81 5.07 2.23
CA THR A 129 15.16 4.60 1.86
C THR A 129 15.47 3.34 2.71
N ILE A 130 16.27 2.44 2.17
CA ILE A 130 16.67 1.25 2.89
C ILE A 130 18.12 0.99 2.54
N THR A 131 18.99 0.96 3.54
CA THR A 131 20.42 0.71 3.27
C THR A 131 20.94 -0.47 4.10
N CYS A 132 21.90 -1.20 3.54
CA CYS A 132 22.45 -2.35 4.26
C CYS A 132 23.72 -1.86 4.98
N SER A 133 23.70 -1.88 6.32
CA SER A 133 24.85 -1.35 7.07
C SER A 133 25.89 -2.35 7.47
N SER A 134 25.59 -3.63 7.33
CA SER A 134 26.57 -4.68 7.62
C SER A 134 26.01 -6.02 7.17
N CYS A 135 26.94 -6.95 6.98
CA CYS A 135 26.57 -8.30 6.55
C CYS A 135 27.69 -9.23 7.04
N SER A 136 27.30 -10.42 7.52
CA SER A 136 28.28 -11.43 7.91
C SER A 136 27.71 -12.76 7.38
N SER A 137 28.59 -13.71 7.08
CA SER A 137 28.20 -15.02 6.54
C SER A 137 29.22 -15.99 7.17
N HIS A 138 28.75 -17.09 7.77
CA HIS A 138 29.66 -18.05 8.38
C HIS A 138 29.24 -19.45 7.88
N ILE A 139 30.15 -20.42 7.93
CA ILE A 139 29.88 -21.79 7.46
C ILE A 139 30.26 -22.77 8.54
N ASN A 140 29.41 -23.78 8.78
CA ASN A 140 29.76 -24.74 9.84
C ASN A 140 30.67 -25.87 9.38
N SER A 141 30.35 -26.46 8.22
CA SER A 141 31.19 -27.55 7.73
C SER A 141 31.11 -27.71 6.22
N VAL A 142 32.13 -28.38 5.65
CA VAL A 142 32.21 -28.63 4.21
C VAL A 142 32.56 -30.09 3.98
N HIS A 143 31.81 -30.75 3.10
N HIS A 143 31.81 -30.77 3.11
CA HIS A 143 32.07 -32.15 2.82
CA HIS A 143 32.09 -32.18 2.82
C HIS A 143 32.20 -32.42 1.31
C HIS A 143 32.23 -32.38 1.31
N VAL A 144 33.27 -33.14 0.93
CA VAL A 144 33.53 -33.46 -0.49
C VAL A 144 33.27 -34.96 -0.73
N HIS A 145 32.57 -35.30 -1.80
CA HIS A 145 32.32 -36.72 -2.13
C HIS A 145 32.79 -36.96 -3.56
N ILE A 146 33.56 -38.03 -3.74
CA ILE A 146 33.99 -38.43 -5.09
C ILE A 146 33.65 -39.91 -5.23
N SER A 147 32.99 -40.28 -6.32
CA SER A 147 32.60 -41.67 -6.55
C SER A 147 33.76 -42.67 -6.52
N LYS A 148 34.94 -42.26 -6.96
CA LYS A 148 36.09 -43.18 -6.93
C LYS A 148 36.67 -43.16 -5.50
N SER A 149 36.61 -44.31 -4.83
CA SER A 149 37.09 -44.44 -3.44
C SER A 149 38.59 -44.27 -3.27
N LYS A 150 39.35 -44.48 -4.34
CA LYS A 150 40.80 -44.39 -4.18
C LYS A 150 41.40 -43.00 -3.96
N VAL A 151 40.59 -41.93 -3.98
CA VAL A 151 41.18 -40.59 -3.79
C VAL A 151 40.95 -39.87 -2.47
N GLY A 152 40.87 -40.68 -1.41
CA GLY A 152 40.72 -40.16 -0.07
C GLY A 152 41.86 -39.20 0.20
N TRP A 153 43.05 -39.50 -0.32
CA TRP A 153 44.20 -38.62 -0.10
C TRP A 153 43.96 -37.23 -0.72
N LEU A 154 43.28 -37.19 -1.86
CA LEU A 154 43.04 -35.91 -2.54
C LEU A 154 42.00 -35.11 -1.74
N ILE A 155 41.00 -35.79 -1.18
CA ILE A 155 40.01 -35.05 -0.40
C ILE A 155 40.69 -34.48 0.87
N GLN A 156 41.65 -35.22 1.41
CA GLN A 156 42.41 -34.71 2.56
C GLN A 156 43.23 -33.48 2.14
N LEU A 157 43.80 -33.48 0.93
CA LEU A 157 44.53 -32.26 0.52
C LEU A 157 43.56 -31.08 0.40
N PHE A 158 42.35 -31.36 -0.10
CA PHE A 158 41.34 -30.31 -0.22
C PHE A 158 41.09 -29.66 1.14
N HIS A 159 40.85 -30.49 2.15
CA HIS A 159 40.63 -29.97 3.51
C HIS A 159 41.85 -29.21 4.05
N LYS A 160 43.05 -29.77 3.88
CA LYS A 160 44.24 -29.10 4.38
C LYS A 160 44.67 -27.83 3.64
N LYS A 161 44.51 -27.79 2.32
CA LYS A 161 44.98 -26.65 1.55
C LYS A 161 44.01 -25.76 0.78
N ILE A 162 42.77 -26.19 0.59
CA ILE A 162 41.79 -25.41 -0.16
C ILE A 162 40.57 -24.95 0.66
N GLU A 163 40.06 -25.80 1.54
CA GLU A 163 38.84 -25.49 2.29
C GLU A 163 38.72 -24.08 2.89
N SER A 164 39.73 -23.65 3.64
CA SER A 164 39.66 -22.32 4.25
C SER A 164 39.48 -21.22 3.22
N ALA A 165 40.30 -21.24 2.17
CA ALA A 165 40.21 -20.25 1.10
C ALA A 165 38.83 -20.25 0.45
N LEU A 166 38.34 -21.46 0.14
CA LEU A 166 37.09 -21.61 -0.50
C LEU A 166 35.97 -21.09 0.42
N ARG A 167 36.05 -21.37 1.72
CA ARG A 167 35.02 -20.87 2.64
C ARG A 167 35.03 -19.33 2.73
N ASN A 168 36.22 -18.76 2.88
CA ASN A 168 36.37 -17.31 2.98
C ASN A 168 35.79 -16.61 1.76
N LYS A 169 36.11 -17.15 0.60
CA LYS A 169 35.62 -16.56 -0.65
C LYS A 169 34.10 -16.69 -0.77
N MET A 170 33.56 -17.85 -0.40
CA MET A 170 32.13 -18.05 -0.51
C MET A 170 31.40 -17.05 0.41
N ASN A 171 31.89 -16.89 1.64
CA ASN A 171 31.25 -15.96 2.58
C ASN A 171 31.29 -14.54 2.05
N SER A 172 32.41 -14.15 1.42
CA SER A 172 32.46 -12.78 0.85
C SER A 172 31.53 -12.65 -0.38
N GLN A 173 31.50 -13.66 -1.25
CA GLN A 173 30.60 -13.55 -2.38
C GLN A 173 29.14 -13.50 -1.90
N VAL A 174 28.83 -14.27 -0.88
CA VAL A 174 27.46 -14.25 -0.36
C VAL A 174 27.09 -12.85 0.17
N CYS A 175 27.94 -12.23 0.98
CA CYS A 175 27.58 -10.89 1.47
C CYS A 175 27.59 -9.79 0.37
N GLU A 176 28.34 -10.05 -0.69
CA GLU A 176 28.38 -9.19 -1.85
C GLU A 176 27.01 -9.25 -2.53
N LYS A 177 26.47 -10.45 -2.71
CA LYS A 177 25.16 -10.58 -3.36
C LYS A 177 24.06 -9.93 -2.49
N VAL A 178 24.15 -10.13 -1.17
CA VAL A 178 23.15 -9.56 -0.27
C VAL A 178 23.19 -8.02 -0.29
N THR A 179 24.37 -7.45 -0.06
N THR A 179 24.36 -7.44 -0.06
CA THR A 179 24.50 -5.99 -0.04
CA THR A 179 24.48 -5.97 -0.07
C THR A 179 24.09 -5.35 -1.39
C THR A 179 24.05 -5.37 -1.40
N ASN A 180 24.48 -5.98 -2.49
CA ASN A 180 24.12 -5.48 -3.83
C ASN A 180 22.63 -5.48 -3.98
N SER A 181 21.99 -6.56 -3.51
CA SER A 181 20.55 -6.67 -3.68
C SER A 181 19.72 -5.63 -2.98
N VAL A 182 20.18 -5.19 -1.81
CA VAL A 182 19.47 -4.16 -1.06
C VAL A 182 19.45 -2.82 -1.84
N SER A 183 20.62 -2.41 -2.34
N SER A 183 20.61 -2.39 -2.33
CA SER A 183 20.75 -1.16 -3.06
CA SER A 183 20.64 -1.12 -3.05
C SER A 183 20.10 -1.19 -4.44
C SER A 183 20.02 -1.20 -4.44
N SER A 184 20.29 -2.30 -5.15
CA SER A 184 19.79 -2.45 -6.50
C SER A 184 18.38 -3.00 -6.72
N GLU A 185 17.79 -3.60 -5.71
CA GLU A 185 16.47 -4.18 -5.93
C GLU A 185 15.51 -3.84 -4.77
N LEU A 186 15.99 -3.98 -3.54
CA LEU A 186 15.13 -3.72 -2.37
C LEU A 186 14.72 -2.26 -2.21
N GLN A 187 15.66 -1.32 -2.23
CA GLN A 187 15.27 0.07 -2.08
C GLN A 187 14.35 0.54 -3.23
N PRO A 188 14.72 0.23 -4.47
CA PRO A 188 13.86 0.64 -5.59
C PRO A 188 12.47 0.04 -5.47
N TYR A 189 12.37 -1.20 -4.95
CA TYR A 189 11.08 -1.85 -4.78
C TYR A 189 10.23 -1.04 -3.79
N PHE A 190 10.77 -0.75 -2.62
CA PHE A 190 9.92 -0.03 -1.69
C PHE A 190 9.64 1.42 -2.18
N GLN A 191 10.49 1.95 -3.05
CA GLN A 191 10.28 3.26 -3.65
C GLN A 191 9.14 3.21 -4.70
N THR A 192 8.50 2.04 -4.87
CA THR A 192 7.31 1.97 -5.74
C THR A 192 6.08 2.39 -4.96
N LEU A 193 6.26 2.64 -3.67
CA LEU A 193 5.12 3.16 -2.88
C LEU A 193 4.73 4.48 -3.59
N PRO A 194 3.41 4.73 -3.76
CA PRO A 194 3.05 5.99 -4.42
C PRO A 194 3.21 7.24 -3.54
N VAL A 195 3.66 8.34 -4.14
CA VAL A 195 3.72 9.60 -3.35
C VAL A 195 2.52 10.52 -3.68
N MET A 196 2.54 11.17 -4.85
CA MET A 196 1.42 12.05 -5.32
C MET A 196 0.61 11.11 -6.24
N THR A 197 -0.48 10.54 -5.70
CA THR A 197 -1.30 9.55 -6.44
C THR A 197 -2.63 10.16 -6.98
N LYS A 198 -2.62 10.40 -8.31
CA LYS A 198 -3.75 11.07 -8.97
C LYS A 198 -5.00 10.19 -9.11
N ILE A 199 -6.14 10.74 -8.73
CA ILE A 199 -7.40 10.03 -8.76
C ILE A 199 -8.19 10.29 -10.04
N ASP A 200 -8.33 11.56 -10.36
CA ASP A 200 -9.14 12.01 -11.49
C ASP A 200 -8.69 13.41 -11.88
N SER A 201 -9.51 14.11 -12.68
CA SER A 201 -9.08 15.44 -13.15
C SER A 201 -9.17 16.53 -12.14
N VAL A 202 -9.67 16.19 -10.95
CA VAL A 202 -9.82 17.17 -9.89
C VAL A 202 -8.90 16.99 -8.68
N ALA A 203 -8.69 15.74 -8.26
CA ALA A 203 -7.89 15.50 -7.06
C ALA A 203 -6.85 14.40 -7.11
N GLY A 204 -5.98 14.46 -6.12
CA GLY A 204 -4.94 13.42 -5.93
C GLY A 204 -4.84 13.22 -4.40
N ILE A 205 -4.09 12.22 -3.98
CA ILE A 205 -3.83 11.97 -2.58
C ILE A 205 -2.33 11.96 -2.35
N ASN A 206 -1.86 12.72 -1.35
CA ASN A 206 -0.45 12.78 -1.02
C ASN A 206 -0.16 11.72 0.08
N TYR A 207 0.54 10.66 -0.30
CA TYR A 207 0.90 9.56 0.59
C TYR A 207 2.40 9.62 0.93
N GLY A 208 3.04 10.75 0.66
CA GLY A 208 4.48 10.86 0.98
C GLY A 208 4.79 10.66 2.43
N LEU A 209 5.95 10.07 2.75
CA LEU A 209 6.28 9.84 4.17
C LEU A 209 6.59 11.18 4.82
N VAL A 210 6.09 11.37 6.05
CA VAL A 210 6.34 12.64 6.79
C VAL A 210 7.38 12.38 7.90
N ALA A 211 7.89 11.14 7.98
CA ALA A 211 8.93 10.75 8.96
C ALA A 211 9.60 9.48 8.51
N PRO A 212 10.81 9.19 9.02
CA PRO A 212 11.42 7.93 8.57
C PRO A 212 10.70 6.74 9.27
N PRO A 213 10.63 5.56 8.64
CA PRO A 213 9.95 4.42 9.25
C PRO A 213 10.55 4.13 10.63
N ALA A 214 9.70 3.95 11.64
CA ALA A 214 10.16 3.75 13.00
C ALA A 214 9.91 2.30 13.46
N THR A 215 10.96 1.66 13.99
CA THR A 215 10.90 0.26 14.43
C THR A 215 10.77 0.18 15.94
N THR A 216 9.76 -0.56 16.42
CA THR A 216 9.56 -0.83 17.84
C THR A 216 9.66 -2.34 18.03
N ALA A 217 9.37 -2.86 19.24
CA ALA A 217 9.52 -4.29 19.48
C ALA A 217 8.55 -5.11 18.67
N GLU A 218 7.37 -4.53 18.44
CA GLU A 218 6.35 -5.27 17.69
C GLU A 218 5.76 -4.62 16.46
N THR A 219 6.15 -3.39 16.17
CA THR A 219 5.61 -2.71 15.01
C THR A 219 6.63 -1.93 14.16
N LEU A 220 6.39 -1.86 12.85
CA LEU A 220 7.20 -1.02 11.94
C LEU A 220 6.15 -0.03 11.43
N ASP A 221 6.27 1.25 11.81
CA ASP A 221 5.26 2.23 11.39
C ASP A 221 5.76 3.21 10.33
N VAL A 222 4.96 3.35 9.27
CA VAL A 222 5.30 4.21 8.14
C VAL A 222 4.24 5.32 8.17
N GLN A 223 4.65 6.55 8.45
CA GLN A 223 3.70 7.68 8.60
C GLN A 223 3.62 8.51 7.33
N MET A 224 2.40 8.65 6.79
CA MET A 224 2.21 9.33 5.50
C MET A 224 1.36 10.60 5.65
N LYS A 225 1.60 11.56 4.75
CA LYS A 225 0.87 12.84 4.79
C LYS A 225 -0.66 12.57 4.88
N GLY A 226 -1.15 11.71 3.99
CA GLY A 226 -2.56 11.32 3.98
C GLY A 226 -3.50 12.49 3.83
N GLU A 227 -3.24 13.30 2.80
CA GLU A 227 -4.03 14.48 2.48
C GLU A 227 -4.49 14.48 0.99
N PHE A 228 -5.81 14.62 0.76
CA PHE A 228 -6.28 14.80 -0.59
C PHE A 228 -5.86 16.25 -1.00
N TYR A 229 -5.51 16.45 -2.28
CA TYR A 229 -5.12 17.80 -2.74
C TYR A 229 -5.57 18.05 -4.19
N SER A 230 -5.58 19.32 -4.58
CA SER A 230 -5.92 19.75 -5.94
C SER A 230 -4.60 20.14 -6.63
N GLU A 231 -4.46 19.92 -7.95
CA GLU A 231 -3.21 20.33 -8.58
C GLU A 231 -3.23 21.83 -8.85
N ASN A 232 -4.40 22.44 -8.63
CA ASN A 232 -4.57 23.88 -8.83
C ASN A 232 -4.41 24.65 -7.51
N HIS A 233 -4.97 24.14 -6.42
CA HIS A 233 -4.88 24.82 -5.12
C HIS A 233 -3.59 24.49 -4.39
N HIS A 234 -3.28 25.24 -3.32
CA HIS A 234 -2.06 25.01 -2.54
C HIS A 234 -2.24 25.05 -1.00
N ASN A 235 -3.26 25.75 -0.54
CA ASN A 235 -3.54 25.92 0.90
C ASN A 235 -3.72 24.64 1.74
N PRO A 236 -3.05 24.55 2.91
CA PRO A 236 -3.23 23.34 3.73
C PRO A 236 -4.68 23.41 4.26
N PRO A 237 -5.24 22.28 4.69
CA PRO A 237 -6.61 22.25 5.24
C PRO A 237 -6.52 23.09 6.54
N PRO A 238 -7.61 23.70 6.96
CA PRO A 238 -7.52 24.49 8.19
C PRO A 238 -7.65 23.67 9.47
N PHE A 239 -7.87 22.36 9.36
CA PHE A 239 -8.00 21.48 10.51
C PHE A 239 -6.75 20.59 10.56
N ALA A 240 -6.58 19.83 11.64
CA ALA A 240 -5.38 19.02 11.85
C ALA A 240 -5.67 17.56 12.07
N PRO A 241 -4.69 16.72 11.81
CA PRO A 241 -4.87 15.27 11.99
C PRO A 241 -4.97 14.95 13.50
N PRO A 242 -5.69 13.88 13.84
CA PRO A 242 -5.84 13.46 15.25
C PRO A 242 -4.69 12.50 15.59
N VAL A 243 -4.47 12.23 16.87
N VAL A 243 -4.52 12.21 16.88
CA VAL A 243 -3.43 11.27 17.20
CA VAL A 243 -3.49 11.25 17.27
C VAL A 243 -4.13 9.92 16.96
C VAL A 243 -4.14 9.88 17.02
N MET A 244 -3.41 8.95 16.42
CA MET A 244 -3.97 7.64 16.16
C MET A 244 -3.12 6.64 16.92
N GLU A 245 -3.64 6.13 18.02
CA GLU A 245 -2.89 5.14 18.82
C GLU A 245 -3.71 3.87 18.95
N PHE A 246 -3.06 2.74 18.68
CA PHE A 246 -3.70 1.44 18.81
C PHE A 246 -2.67 0.37 19.18
N PRO A 247 -3.10 -0.63 19.93
CA PRO A 247 -2.24 -1.72 20.40
C PRO A 247 -1.64 -2.54 19.29
N ALA A 248 -0.45 -3.08 19.55
CA ALA A 248 0.20 -3.94 18.58
C ALA A 248 -0.67 -5.22 18.58
N ALA A 249 -0.95 -5.70 17.38
CA ALA A 249 -1.75 -6.91 17.18
C ALA A 249 -0.88 -7.65 16.17
N HIS A 250 -0.99 -8.97 16.14
CA HIS A 250 -0.15 -9.76 15.26
C HIS A 250 -0.96 -10.71 14.41
N ASP A 251 -2.28 -10.66 14.54
CA ASP A 251 -3.14 -11.54 13.76
C ASP A 251 -3.10 -11.26 12.25
N ARG A 252 -2.80 -10.03 11.86
CA ARG A 252 -2.73 -9.70 10.44
C ARG A 252 -1.40 -9.02 10.11
N MET A 253 -1.07 -9.00 8.82
CA MET A 253 0.22 -8.46 8.33
C MET A 253 0.41 -6.93 8.36
N VAL A 254 -0.67 -6.20 8.14
CA VAL A 254 -0.56 -4.76 8.11
C VAL A 254 -1.81 -4.11 8.67
N TYR A 255 -1.61 -2.92 9.23
CA TYR A 255 -2.74 -2.18 9.78
C TYR A 255 -2.69 -0.77 9.19
N LEU A 256 -3.80 -0.34 8.58
CA LEU A 256 -3.88 0.99 7.95
C LEU A 256 -4.74 1.88 8.81
N GLY A 257 -4.19 2.99 9.30
CA GLY A 257 -5.02 3.91 10.10
C GLY A 257 -5.41 5.04 9.17
N LEU A 258 -6.71 5.21 8.93
CA LEU A 258 -7.19 6.28 8.02
C LEU A 258 -7.91 7.30 8.91
N SER A 259 -7.26 8.44 9.09
CA SER A 259 -7.82 9.45 9.96
C SER A 259 -9.02 10.19 9.46
N ASP A 260 -9.80 10.75 10.41
CA ASP A 260 -10.93 11.55 10.00
C ASP A 260 -10.43 12.69 9.10
N TYR A 261 -9.24 13.21 9.41
CA TYR A 261 -8.63 14.28 8.63
C TYR A 261 -8.53 13.88 7.12
N PHE A 262 -8.02 12.69 6.87
CA PHE A 262 -7.86 12.16 5.50
C PHE A 262 -9.19 12.29 4.73
N PHE A 263 -10.26 11.78 5.33
CA PHE A 263 -11.57 11.81 4.68
C PHE A 263 -12.09 13.23 4.48
N ASN A 264 -11.91 14.07 5.50
CA ASN A 264 -12.37 15.43 5.38
C ASN A 264 -11.59 16.26 4.32
N THR A 265 -10.28 15.96 4.12
CA THR A 265 -9.56 16.68 3.06
C THR A 265 -10.19 16.34 1.69
N ALA A 266 -10.70 15.13 1.55
CA ALA A 266 -11.39 14.81 0.28
C ALA A 266 -12.64 15.71 0.11
N GLY A 267 -13.47 15.83 1.16
CA GLY A 267 -14.62 16.71 1.00
C GLY A 267 -14.21 18.15 0.67
N LEU A 268 -13.13 18.66 1.25
CA LEU A 268 -12.66 20.02 1.03
C LEU A 268 -12.24 20.23 -0.43
N VAL A 269 -11.43 19.32 -0.96
CA VAL A 269 -10.95 19.43 -2.35
C VAL A 269 -12.09 19.41 -3.39
N TYR A 270 -12.97 18.42 -3.29
CA TYR A 270 -14.06 18.34 -4.27
C TYR A 270 -15.05 19.51 -4.14
N GLN A 271 -15.33 19.95 -2.89
CA GLN A 271 -16.26 21.06 -2.79
C GLN A 271 -15.60 22.33 -3.39
N GLU A 272 -14.32 22.54 -3.09
CA GLU A 272 -13.66 23.73 -3.60
C GLU A 272 -13.49 23.79 -5.13
N ALA A 273 -13.50 22.62 -5.75
CA ALA A 273 -13.34 22.50 -7.17
C ALA A 273 -14.67 22.82 -7.88
N GLY A 274 -15.72 22.95 -7.07
CA GLY A 274 -17.02 23.23 -7.67
C GLY A 274 -17.71 22.02 -8.30
N VAL A 275 -17.31 20.82 -7.97
CA VAL A 275 -17.98 19.66 -8.53
C VAL A 275 -19.11 19.04 -7.70
N LEU A 276 -19.31 19.51 -6.47
CA LEU A 276 -20.38 18.98 -5.64
C LEU A 276 -21.65 19.81 -5.94
N LYS A 277 -22.11 19.73 -7.18
CA LYS A 277 -23.31 20.46 -7.59
C LYS A 277 -24.02 19.69 -8.69
N MET A 278 -25.29 20.00 -8.87
CA MET A 278 -26.07 19.34 -9.91
C MET A 278 -27.25 20.23 -10.31
N THR A 279 -27.58 20.24 -11.59
CA THR A 279 -28.74 21.01 -12.07
C THR A 279 -29.82 20.00 -12.47
N LEU A 280 -31.02 20.18 -11.93
CA LEU A 280 -32.14 19.30 -12.24
C LEU A 280 -33.14 20.06 -13.13
N ARG A 281 -33.53 19.43 -14.22
CA ARG A 281 -34.51 19.99 -15.17
C ARG A 281 -35.68 19.00 -15.21
N ASP A 282 -36.84 19.47 -15.66
CA ASP A 282 -38.03 18.62 -15.72
C ASP A 282 -37.82 17.36 -16.57
N ASP A 283 -37.03 17.46 -17.63
CA ASP A 283 -36.78 16.28 -18.47
C ASP A 283 -36.04 15.14 -17.73
N MET A 284 -35.43 15.46 -16.56
CA MET A 284 -34.69 14.47 -15.79
C MET A 284 -35.55 13.81 -14.70
N ILE A 285 -36.77 14.31 -14.52
CA ILE A 285 -37.67 13.78 -13.49
C ILE A 285 -38.43 12.59 -14.05
N PRO A 286 -38.08 11.35 -13.61
CA PRO A 286 -38.70 10.07 -14.01
C PRO A 286 -40.18 10.19 -14.27
N LYS A 287 -40.63 9.51 -15.32
CA LYS A 287 -42.02 9.53 -15.71
C LYS A 287 -42.89 9.09 -14.55
N GLU A 288 -42.35 8.17 -13.74
CA GLU A 288 -43.10 7.66 -12.59
C GLU A 288 -43.42 8.73 -11.55
N SER A 289 -42.78 9.89 -11.63
CA SER A 289 -43.06 10.87 -10.60
C SER A 289 -44.21 11.83 -10.85
N LYS A 290 -44.94 12.14 -9.78
CA LYS A 290 -46.03 13.08 -9.87
C LYS A 290 -45.49 14.51 -9.82
N PHE A 291 -44.30 14.65 -9.24
CA PHE A 291 -43.69 15.98 -9.12
C PHE A 291 -43.15 16.36 -10.50
N ARG A 292 -43.54 17.52 -11.05
CA ARG A 292 -42.99 17.95 -12.34
C ARG A 292 -42.31 19.29 -12.11
N LEU A 293 -41.19 19.53 -12.77
CA LEU A 293 -40.52 20.84 -12.60
C LEU A 293 -41.11 21.92 -13.54
N THR A 294 -42.31 22.38 -13.22
CA THR A 294 -42.98 23.41 -14.02
C THR A 294 -43.69 24.31 -13.03
N THR A 295 -43.90 25.57 -13.39
CA THR A 295 -44.58 26.51 -12.50
C THR A 295 -46.07 26.05 -12.39
N LYS A 296 -46.58 25.46 -13.47
CA LYS A 296 -47.96 24.97 -13.47
C LYS A 296 -48.08 24.00 -12.28
N PHE A 297 -47.26 22.95 -12.28
CA PHE A 297 -47.32 21.96 -11.21
C PHE A 297 -47.03 22.56 -9.86
N PHE A 298 -45.94 23.32 -9.73
CA PHE A 298 -45.66 23.92 -8.43
C PHE A 298 -46.81 24.79 -7.94
N GLY A 299 -47.55 25.39 -8.89
CA GLY A 299 -48.69 26.23 -8.53
C GLY A 299 -49.78 25.52 -7.73
N THR A 300 -49.85 24.21 -7.85
CA THR A 300 -50.83 23.42 -7.13
C THR A 300 -50.52 23.45 -5.64
N PHE A 301 -49.27 23.68 -5.26
CA PHE A 301 -49.01 23.71 -3.82
C PHE A 301 -48.42 24.99 -3.20
N LEU A 302 -47.65 25.76 -3.96
CA LEU A 302 -47.08 26.99 -3.39
C LEU A 302 -47.84 28.22 -3.87
N PRO A 303 -47.66 29.38 -3.18
CA PRO A 303 -48.27 30.69 -3.41
C PRO A 303 -48.31 31.34 -4.82
N GLU A 304 -47.49 32.36 -5.01
CA GLU A 304 -47.43 33.12 -6.24
C GLU A 304 -46.77 32.52 -7.50
N VAL A 305 -46.17 31.33 -7.43
CA VAL A 305 -45.46 30.78 -8.59
C VAL A 305 -46.12 30.74 -9.96
N ALA A 306 -47.27 30.06 -10.08
CA ALA A 306 -47.99 29.94 -11.35
C ALA A 306 -48.46 31.32 -11.84
N LYS A 307 -48.81 32.16 -10.88
CA LYS A 307 -49.28 33.52 -11.15
C LYS A 307 -48.13 34.40 -11.62
N LYS A 308 -47.09 34.50 -10.80
CA LYS A 308 -45.95 35.33 -11.12
C LYS A 308 -45.17 34.85 -12.35
N PHE A 309 -45.06 33.55 -12.56
CA PHE A 309 -44.34 33.00 -13.72
C PHE A 309 -45.16 31.95 -14.46
N PRO A 310 -46.13 32.40 -15.26
CA PRO A 310 -47.01 31.52 -16.02
C PRO A 310 -46.39 30.65 -17.10
N ASN A 311 -46.76 29.36 -17.07
CA ASN A 311 -46.36 28.38 -18.09
C ASN A 311 -44.88 28.38 -18.41
N MET A 312 -44.09 28.32 -17.34
CA MET A 312 -42.63 28.30 -17.46
C MET A 312 -42.08 27.01 -16.87
N LYS A 313 -40.91 26.61 -17.36
CA LYS A 313 -40.26 25.43 -16.84
C LYS A 313 -39.50 25.85 -15.56
N ILE A 314 -39.16 24.88 -14.72
CA ILE A 314 -38.43 25.22 -13.50
C ILE A 314 -37.16 24.42 -13.44
N GLN A 315 -36.10 24.99 -12.85
CA GLN A 315 -34.86 24.25 -12.69
C GLN A 315 -34.51 24.32 -11.19
N ILE A 316 -33.94 23.24 -10.66
CA ILE A 316 -33.55 23.17 -9.25
C ILE A 316 -32.06 22.93 -9.24
N HIS A 317 -31.30 23.87 -8.68
CA HIS A 317 -29.86 23.75 -8.58
C HIS A 317 -29.48 23.33 -7.14
N VAL A 318 -28.70 22.27 -7.02
CA VAL A 318 -28.27 21.70 -5.76
C VAL A 318 -26.78 21.94 -5.66
N SER A 319 -26.34 22.43 -4.52
CA SER A 319 -24.90 22.67 -4.35
C SER A 319 -24.45 22.67 -2.91
N ALA A 320 -23.13 22.54 -2.72
CA ALA A 320 -22.56 22.57 -1.39
C ALA A 320 -21.73 23.87 -1.28
N SER A 321 -22.15 24.80 -0.43
CA SER A 321 -21.36 26.01 -0.28
C SER A 321 -20.32 25.91 0.85
N THR A 322 -20.34 24.77 1.55
CA THR A 322 -19.37 24.47 2.60
C THR A 322 -18.97 23.00 2.44
N PRO A 323 -17.70 22.68 2.67
CA PRO A 323 -17.20 21.30 2.55
C PRO A 323 -17.87 20.37 3.54
N PRO A 324 -18.37 19.22 3.07
CA PRO A 324 -19.04 18.28 3.96
C PRO A 324 -18.09 17.59 4.95
N HIS A 325 -18.48 17.54 6.22
N HIS A 325 -18.50 17.57 6.21
CA HIS A 325 -17.63 16.91 7.24
CA HIS A 325 -17.75 16.97 7.31
C HIS A 325 -17.97 15.44 7.47
C HIS A 325 -17.98 15.47 7.45
N LEU A 326 -16.97 14.69 7.94
N LEU A 326 -17.01 14.78 8.04
CA LEU A 326 -17.12 13.28 8.27
CA LEU A 326 -17.12 13.35 8.31
C LEU A 326 -16.47 13.02 9.64
C LEU A 326 -16.48 13.07 9.67
N SER A 327 -17.16 12.29 10.51
CA SER A 327 -16.57 11.93 11.81
C SER A 327 -16.48 10.40 11.91
N VAL A 328 -15.48 9.93 12.66
CA VAL A 328 -15.31 8.49 12.87
C VAL A 328 -15.45 8.20 14.36
N GLN A 329 -16.32 7.25 14.69
CA GLN A 329 -16.56 6.81 16.08
C GLN A 329 -16.50 5.30 16.03
N PRO A 330 -16.48 4.63 17.21
CA PRO A 330 -16.43 3.16 17.24
C PRO A 330 -17.61 2.59 16.49
N THR A 331 -18.66 3.40 16.35
CA THR A 331 -19.88 3.01 15.64
C THR A 331 -19.73 2.96 14.11
N GLY A 332 -18.71 3.65 13.60
CA GLY A 332 -18.51 3.67 12.16
C GLY A 332 -18.28 5.11 11.69
N LEU A 333 -18.30 5.33 10.38
CA LEU A 333 -18.11 6.67 9.84
C LEU A 333 -19.45 7.33 9.59
N THR A 334 -19.52 8.60 9.95
CA THR A 334 -20.73 9.38 9.78
C THR A 334 -20.42 10.60 8.95
N PHE A 335 -21.32 10.89 7.99
CA PHE A 335 -21.15 11.98 7.06
C PHE A 335 -22.26 13.00 7.35
N TYR A 336 -21.94 14.29 7.35
CA TYR A 336 -22.95 15.31 7.66
C TYR A 336 -23.15 16.24 6.47
N PRO A 337 -23.87 15.78 5.44
CA PRO A 337 -24.08 16.63 4.26
C PRO A 337 -25.00 17.82 4.49
N ALA A 338 -24.57 18.97 3.96
CA ALA A 338 -25.36 20.21 4.02
C ALA A 338 -25.37 20.76 2.57
N VAL A 339 -26.58 20.91 2.01
CA VAL A 339 -26.73 21.36 0.64
C VAL A 339 -27.67 22.52 0.49
N ASP A 340 -27.40 23.39 -0.49
CA ASP A 340 -28.26 24.53 -0.81
C ASP A 340 -29.12 24.05 -1.97
N VAL A 341 -30.41 24.35 -1.95
CA VAL A 341 -31.27 23.94 -3.06
C VAL A 341 -32.04 25.20 -3.47
N GLN A 342 -31.87 25.61 -4.71
CA GLN A 342 -32.52 26.83 -5.19
C GLN A 342 -33.34 26.54 -6.45
N ALA A 343 -34.56 27.05 -6.49
CA ALA A 343 -35.47 26.81 -7.58
C ALA A 343 -35.56 28.04 -8.46
N PHE A 344 -35.56 27.86 -9.78
CA PHE A 344 -35.67 28.99 -10.70
C PHE A 344 -36.75 28.78 -11.77
N ALA A 345 -37.39 29.87 -12.19
CA ALA A 345 -38.29 29.77 -13.34
C ALA A 345 -37.43 30.14 -14.58
N VAL A 346 -37.63 29.45 -15.71
CA VAL A 346 -36.89 29.75 -16.97
C VAL A 346 -37.67 30.87 -17.72
N LEU A 347 -37.07 32.04 -17.85
CA LEU A 347 -37.76 33.19 -18.47
C LEU A 347 -37.85 33.14 -19.98
N PRO A 348 -38.70 34.03 -20.57
CA PRO A 348 -38.84 34.07 -22.03
C PRO A 348 -37.49 34.20 -22.78
N ASN A 349 -36.49 34.88 -22.20
CA ASN A 349 -35.16 35.02 -22.85
C ASN A 349 -34.14 33.98 -22.33
N SER A 350 -34.65 32.93 -21.65
CA SER A 350 -33.89 31.79 -21.10
C SER A 350 -33.11 32.07 -19.80
N ALA A 351 -33.14 33.32 -19.37
CA ALA A 351 -32.49 33.70 -18.10
C ALA A 351 -33.24 33.00 -16.93
N LEU A 352 -32.52 32.80 -15.82
CA LEU A 352 -33.14 32.12 -14.65
C LEU A 352 -33.58 33.09 -13.55
N ALA A 353 -34.86 33.01 -13.21
CA ALA A 353 -35.44 33.89 -12.20
C ALA A 353 -35.57 33.09 -10.90
N SER A 354 -34.90 33.53 -9.84
CA SER A 354 -34.95 32.81 -8.58
C SER A 354 -36.37 32.82 -7.93
N LEU A 355 -36.85 31.64 -7.50
CA LEU A 355 -38.16 31.52 -6.82
C LEU A 355 -37.96 31.44 -5.31
N PHE A 356 -37.09 30.54 -4.86
CA PHE A 356 -36.79 30.38 -3.43
C PHE A 356 -35.47 29.62 -3.26
N LEU A 357 -34.90 29.75 -2.07
CA LEU A 357 -33.65 29.11 -1.67
C LEU A 357 -33.82 28.44 -0.30
N ILE A 358 -33.57 27.14 -0.22
CA ILE A 358 -33.66 26.43 1.08
C ILE A 358 -32.34 25.76 1.40
N GLY A 359 -32.18 25.39 2.66
CA GLY A 359 -30.98 24.66 3.11
C GLY A 359 -31.49 23.27 3.49
N MET A 360 -30.69 22.25 3.19
CA MET A 360 -31.10 20.88 3.48
C MET A 360 -29.97 20.13 4.11
N HIS A 361 -30.24 19.44 5.23
CA HIS A 361 -29.15 18.68 5.80
C HIS A 361 -29.62 17.41 6.48
N THR A 362 -28.68 16.52 6.72
CA THR A 362 -28.99 15.26 7.34
C THR A 362 -27.69 14.60 7.83
N THR A 363 -27.83 13.42 8.42
N THR A 363 -27.83 13.42 8.41
CA THR A 363 -26.69 12.64 8.86
CA THR A 363 -26.70 12.63 8.85
C THR A 363 -26.73 11.40 7.98
C THR A 363 -26.74 11.39 7.98
N GLY A 364 -25.57 10.86 7.64
CA GLY A 364 -25.55 9.67 6.81
C GLY A 364 -24.49 8.72 7.27
N SER A 365 -24.72 7.44 7.05
CA SER A 365 -23.70 6.47 7.41
C SER A 365 -22.85 6.26 6.16
N MET A 366 -21.54 6.09 6.35
CA MET A 366 -20.65 5.83 5.23
C MET A 366 -20.02 4.46 5.47
N GLU A 367 -20.48 3.45 4.76
CA GLU A 367 -19.91 2.10 4.89
C GLU A 367 -18.69 2.05 3.98
N VAL A 368 -17.53 1.69 4.52
CA VAL A 368 -16.26 1.66 3.75
C VAL A 368 -15.74 0.21 3.61
N SER A 369 -15.31 -0.13 2.39
CA SER A 369 -14.78 -1.45 2.10
C SER A 369 -13.49 -1.43 1.27
N ALA A 370 -12.97 -2.62 0.93
CA ALA A 370 -11.74 -2.77 0.12
C ALA A 370 -12.08 -3.52 -1.15
N GLU A 371 -11.37 -3.19 -2.22
CA GLU A 371 -11.64 -3.81 -3.48
C GLU A 371 -10.49 -3.47 -4.40
N SER A 372 -9.68 -4.47 -4.69
CA SER A 372 -8.55 -4.28 -5.58
C SER A 372 -7.62 -3.14 -5.22
N ASN A 373 -7.09 -3.14 -4.00
N ASN A 373 -7.09 -3.09 -4.00
CA ASN A 373 -6.15 -2.12 -3.54
CA ASN A 373 -6.15 -2.01 -3.66
C ASN A 373 -6.70 -0.69 -3.60
C ASN A 373 -6.75 -0.61 -3.66
N ARG A 374 -8.01 -0.55 -3.40
N ARG A 374 -8.06 -0.52 -3.44
CA ARG A 374 -8.63 0.77 -3.36
CA ARG A 374 -8.66 0.79 -3.36
C ARG A 374 -9.66 0.74 -2.24
C ARG A 374 -9.69 0.74 -2.25
N LEU A 375 -10.05 1.92 -1.75
CA LEU A 375 -11.06 2.04 -0.69
C LEU A 375 -12.34 2.44 -1.42
N VAL A 376 -13.46 1.81 -1.10
CA VAL A 376 -14.72 2.18 -1.77
C VAL A 376 -15.76 2.48 -0.66
N GLY A 377 -16.74 3.31 -1.01
CA GLY A 377 -17.76 3.67 -0.02
C GLY A 377 -19.20 3.60 -0.50
N GLU A 378 -20.14 3.60 0.45
CA GLU A 378 -21.57 3.61 0.13
C GLU A 378 -22.25 4.50 1.20
N LEU A 379 -22.92 5.57 0.77
CA LEU A 379 -23.58 6.55 1.65
C LEU A 379 -25.09 6.27 1.72
N LYS A 380 -25.64 6.24 2.95
CA LYS A 380 -27.08 6.06 3.17
C LYS A 380 -27.50 7.17 4.08
N LEU A 381 -28.66 7.72 3.79
CA LEU A 381 -29.13 8.91 4.49
C LEU A 381 -30.25 8.82 5.50
N ASP A 382 -30.21 9.66 6.51
CA ASP A 382 -31.33 9.73 7.45
C ASP A 382 -32.38 10.73 6.91
N ARG A 383 -33.34 11.14 7.77
CA ARG A 383 -34.38 12.06 7.36
C ARG A 383 -33.82 13.40 6.88
N LEU A 384 -34.43 13.97 5.83
CA LEU A 384 -33.98 15.24 5.27
C LEU A 384 -34.59 16.40 6.03
N LEU A 385 -33.72 17.24 6.60
CA LEU A 385 -34.19 18.42 7.37
C LEU A 385 -34.07 19.68 6.53
N LEU A 386 -35.19 20.38 6.34
CA LEU A 386 -35.25 21.57 5.47
C LEU A 386 -35.41 22.87 6.25
N GLU A 387 -34.85 23.95 5.70
CA GLU A 387 -34.93 25.29 6.30
C GLU A 387 -35.09 26.31 5.18
N LEU A 388 -36.06 27.22 5.29
CA LEU A 388 -36.22 28.23 4.22
C LEU A 388 -35.24 29.38 4.45
N LYS A 389 -34.45 29.70 3.40
CA LYS A 389 -33.48 30.81 3.51
C LYS A 389 -33.99 32.14 2.92
N HIS A 390 -34.61 32.06 1.75
CA HIS A 390 -35.09 33.23 1.03
C HIS A 390 -36.23 32.84 0.07
N SER A 391 -37.15 33.78 -0.18
CA SER A 391 -38.25 33.50 -1.11
C SER A 391 -38.57 34.74 -1.93
N ASN A 392 -38.82 34.55 -3.23
CA ASN A 392 -39.22 35.66 -4.07
C ASN A 392 -40.69 35.51 -4.49
N ILE A 393 -41.37 34.55 -3.86
CA ILE A 393 -42.79 34.26 -4.12
C ILE A 393 -43.62 34.40 -2.82
N GLY A 394 -43.12 35.15 -1.86
CA GLY A 394 -43.83 35.33 -0.59
C GLY A 394 -43.52 34.29 0.49
N PRO A 395 -44.02 34.50 1.72
CA PRO A 395 -43.74 33.52 2.78
C PRO A 395 -44.50 32.21 2.50
N PHE A 396 -43.98 31.11 3.01
CA PHE A 396 -44.64 29.79 2.90
C PHE A 396 -43.89 28.85 3.83
N PRO A 397 -44.55 27.81 4.32
CA PRO A 397 -43.89 26.84 5.23
C PRO A 397 -43.01 25.90 4.41
N VAL A 398 -41.74 25.81 4.80
CA VAL A 398 -40.79 24.96 4.06
C VAL A 398 -41.26 23.48 3.93
N GLU A 399 -42.17 23.06 4.83
CA GLU A 399 -42.69 21.70 4.78
C GLU A 399 -43.39 21.35 3.48
N LEU A 400 -43.88 22.35 2.76
CA LEU A 400 -44.54 22.08 1.50
C LEU A 400 -43.55 21.48 0.51
N LEU A 401 -42.25 21.66 0.71
CA LEU A 401 -41.26 21.11 -0.22
C LEU A 401 -40.73 19.75 0.20
N GLN A 402 -41.17 19.25 1.36
CA GLN A 402 -40.69 17.96 1.83
C GLN A 402 -40.90 16.79 0.84
N ASP A 403 -42.10 16.64 0.27
CA ASP A 403 -42.30 15.53 -0.64
C ASP A 403 -41.41 15.51 -1.90
N ILE A 404 -41.26 16.68 -2.53
CA ILE A 404 -40.47 16.69 -3.74
C ILE A 404 -39.01 16.44 -3.37
N MET A 405 -38.56 16.96 -2.23
CA MET A 405 -37.17 16.76 -1.83
C MET A 405 -36.94 15.28 -1.44
N ASN A 406 -37.93 14.64 -0.81
CA ASN A 406 -37.80 13.23 -0.40
C ASN A 406 -37.68 12.29 -1.62
N TYR A 407 -38.15 12.77 -2.78
CA TYR A 407 -38.06 12.01 -4.00
C TYR A 407 -36.75 12.33 -4.72
N ILE A 408 -36.58 13.60 -5.07
CA ILE A 408 -35.37 14.06 -5.78
C ILE A 408 -34.04 13.60 -5.18
N VAL A 409 -33.91 13.62 -3.86
CA VAL A 409 -32.63 13.20 -3.28
C VAL A 409 -32.20 11.76 -3.48
N PRO A 410 -32.98 10.75 -3.03
CA PRO A 410 -32.53 9.37 -3.23
C PRO A 410 -32.62 8.87 -4.68
N ILE A 411 -33.53 9.46 -5.45
CA ILE A 411 -33.66 9.04 -6.83
C ILE A 411 -32.66 9.68 -7.82
N LEU A 412 -32.44 10.99 -7.69
CA LEU A 412 -31.57 11.68 -8.63
C LEU A 412 -30.24 12.21 -8.10
N VAL A 413 -30.19 12.65 -6.84
CA VAL A 413 -28.92 13.22 -6.31
C VAL A 413 -27.97 12.21 -5.68
N LEU A 414 -28.45 11.46 -4.67
CA LEU A 414 -27.64 10.45 -4.03
C LEU A 414 -26.94 9.43 -4.97
N PRO A 415 -27.63 8.95 -6.01
CA PRO A 415 -26.96 7.99 -6.88
C PRO A 415 -25.69 8.52 -7.53
N ARG A 416 -25.70 9.80 -7.91
CA ARG A 416 -24.49 10.36 -8.54
C ARG A 416 -23.34 10.32 -7.54
N VAL A 417 -23.66 10.56 -6.28
CA VAL A 417 -22.67 10.50 -5.21
C VAL A 417 -22.12 9.09 -5.01
N ASN A 418 -23.02 8.11 -4.88
CA ASN A 418 -22.63 6.77 -4.69
C ASN A 418 -21.89 6.14 -5.87
N GLU A 419 -22.14 6.60 -7.11
CA GLU A 419 -21.37 6.10 -8.27
C GLU A 419 -19.90 6.48 -8.07
N LYS A 420 -19.66 7.70 -7.61
CA LYS A 420 -18.29 8.12 -7.37
C LYS A 420 -17.63 7.44 -6.15
N LEU A 421 -18.40 7.23 -5.07
CA LEU A 421 -17.88 6.56 -3.88
C LEU A 421 -17.55 5.09 -4.20
N GLN A 422 -18.33 4.48 -5.08
CA GLN A 422 -18.04 3.11 -5.49
C GLN A 422 -16.84 2.96 -6.41
N LYS A 423 -16.54 4.00 -7.20
CA LYS A 423 -15.38 4.01 -8.08
C LYS A 423 -14.16 3.99 -7.13
N GLY A 424 -14.32 4.64 -5.98
CA GLY A 424 -13.29 4.62 -4.96
C GLY A 424 -12.01 5.46 -5.09
N PHE A 425 -11.04 5.17 -4.23
N PHE A 425 -11.06 5.15 -4.21
CA PHE A 425 -9.77 5.91 -4.21
CA PHE A 425 -9.79 5.89 -4.11
C PHE A 425 -8.65 4.92 -3.97
C PHE A 425 -8.64 4.90 -3.93
N PRO A 426 -7.51 5.13 -4.61
CA PRO A 426 -6.34 4.23 -4.50
C PRO A 426 -5.73 4.28 -3.08
N LEU A 427 -5.33 3.09 -2.59
CA LEU A 427 -4.64 2.90 -1.30
C LEU A 427 -3.15 2.96 -1.70
N PRO A 428 -2.27 3.15 -0.72
CA PRO A 428 -0.84 3.25 -0.99
C PRO A 428 -0.14 1.92 -1.06
N THR A 429 -0.46 1.14 -2.09
CA THR A 429 0.17 -0.17 -2.20
C THR A 429 1.35 -0.11 -3.14
N PRO A 430 2.45 -0.81 -2.81
CA PRO A 430 3.65 -0.85 -3.64
C PRO A 430 3.37 -1.80 -4.79
N ALA A 431 4.36 -1.96 -5.69
CA ALA A 431 4.15 -2.82 -6.85
C ALA A 431 3.84 -4.28 -6.50
N ARG A 432 2.99 -4.89 -7.33
CA ARG A 432 2.60 -6.30 -7.19
C ARG A 432 2.05 -6.77 -5.84
N VAL A 433 1.45 -5.87 -5.06
CA VAL A 433 0.90 -6.27 -3.78
C VAL A 433 -0.60 -6.09 -3.77
N GLN A 434 -1.34 -7.09 -3.27
CA GLN A 434 -2.79 -7.02 -3.14
C GLN A 434 -3.21 -7.35 -1.70
N LEU A 435 -4.27 -6.71 -1.20
CA LEU A 435 -4.73 -6.93 0.18
C LEU A 435 -5.85 -7.98 0.34
N TYR A 436 -5.84 -8.79 1.41
CA TYR A 436 -6.91 -9.76 1.65
C TYR A 436 -7.14 -9.97 3.14
N ASN A 437 -8.13 -10.79 3.48
N ASN A 437 -8.13 -10.79 3.48
CA ASN A 437 -8.49 -11.06 4.87
CA ASN A 437 -8.47 -11.07 4.89
C ASN A 437 -8.67 -9.73 5.60
C ASN A 437 -8.66 -9.74 5.59
N VAL A 438 -9.35 -8.80 4.96
CA VAL A 438 -9.56 -7.46 5.54
C VAL A 438 -10.60 -7.39 6.65
N VAL A 439 -10.23 -6.68 7.70
CA VAL A 439 -11.14 -6.49 8.79
C VAL A 439 -11.14 -4.97 9.06
N LEU A 440 -12.27 -4.48 9.56
CA LEU A 440 -12.38 -3.07 9.86
C LEU A 440 -12.88 -2.87 11.28
N GLN A 441 -12.23 -1.97 11.98
CA GLN A 441 -12.66 -1.65 13.30
C GLN A 441 -12.64 -0.12 13.38
N PRO A 442 -13.81 0.48 13.58
CA PRO A 442 -13.67 1.93 13.66
C PRO A 442 -13.16 2.27 15.06
N HIS A 443 -12.38 3.32 15.15
CA HIS A 443 -11.90 3.80 16.42
C HIS A 443 -12.32 5.24 16.49
N GLN A 444 -12.12 5.84 17.65
CA GLN A 444 -12.45 7.26 17.77
C GLN A 444 -11.44 8.06 16.89
N ASN A 445 -11.99 8.82 15.93
CA ASN A 445 -11.19 9.67 15.03
C ASN A 445 -10.42 9.01 13.91
N PHE A 446 -10.54 7.70 13.80
CA PHE A 446 -9.90 7.02 12.66
C PHE A 446 -10.45 5.63 12.45
N LEU A 447 -10.37 5.20 11.20
CA LEU A 447 -10.79 3.86 10.83
C LEU A 447 -9.51 3.02 10.78
N LEU A 448 -9.55 1.83 11.37
CA LEU A 448 -8.42 0.92 11.35
C LEU A 448 -8.75 -0.28 10.49
N PHE A 449 -7.96 -0.47 9.43
CA PHE A 449 -8.10 -1.61 8.54
C PHE A 449 -6.92 -2.55 8.73
N GLY A 450 -7.23 -3.79 9.07
CA GLY A 450 -6.24 -4.84 9.26
C GLY A 450 -6.33 -5.76 8.06
N ALA A 451 -5.20 -6.24 7.60
CA ALA A 451 -5.18 -7.08 6.42
C ALA A 451 -3.92 -7.88 6.19
N ASP A 452 -4.05 -8.95 5.39
CA ASP A 452 -2.88 -9.76 5.01
C ASP A 452 -2.52 -9.32 3.61
N VAL A 453 -1.29 -9.60 3.22
N VAL A 453 -1.30 -9.59 3.17
CA VAL A 453 -0.75 -9.20 1.95
CA VAL A 453 -0.90 -9.16 1.84
C VAL A 453 -0.30 -10.40 1.14
C VAL A 453 -0.38 -10.29 0.96
N VAL A 454 -0.52 -10.32 -0.17
N VAL A 454 -0.66 -10.18 -0.33
CA VAL A 454 -0.08 -11.35 -1.07
CA VAL A 454 -0.19 -11.16 -1.29
C VAL A 454 0.74 -10.59 -2.12
C VAL A 454 0.78 -10.50 -2.23
N TYR A 455 1.97 -11.06 -2.35
CA TYR A 455 2.96 -10.50 -3.28
C TYR A 455 3.19 -11.43 -4.49
N LYS A 456 3.35 -10.87 -5.69
CA LYS A 456 3.62 -11.75 -6.84
C LYS A 456 4.67 -11.21 -7.80
O12 PC1 B . 13.51 -9.98 -7.86
P PC1 B . 12.33 -9.08 -7.43
O14 PC1 B . 11.14 -9.98 -7.01
O13 PC1 B . 11.95 -8.18 -8.64
C11 PC1 B . 12.84 -7.03 -8.69
C12 PC1 B . 12.57 -6.00 -9.84
N PC1 B . 11.91 -6.52 -11.10
C13 PC1 B . 12.70 -7.62 -11.70
C14 PC1 B . 11.80 -5.39 -12.03
C15 PC1 B . 10.54 -6.97 -10.86
O11 PC1 B . 12.77 -8.12 -6.25
C1 PC1 B . 12.88 -8.76 -4.94
C2 PC1 B . 12.80 -7.63 -3.90
O21 PC1 B . 14.13 -7.00 -3.66
C21 PC1 B . 15.32 -7.64 -2.99
O22 PC1 B . 16.39 -7.02 -2.89
C22 PC1 B . 15.20 -9.04 -2.37
C23 PC1 B . 16.41 -9.33 -1.44
C24 PC1 B . 15.93 -9.62 -0.02
C25 PC1 B . 16.55 -8.71 1.02
C26 PC1 B . 16.22 -9.19 2.46
C27 PC1 B . 14.74 -9.13 2.80
C28 PC1 B . 14.31 -7.74 3.15
C29 PC1 B . 12.90 -7.75 3.74
C2A PC1 B . 12.14 -6.46 3.45
C2B PC1 B . 12.29 -5.42 4.56
C2C PC1 B . 11.00 -4.64 4.74
C2D PC1 B . 11.27 -3.15 4.78
C2E PC1 B . 10.05 -2.37 4.39
C2F PC1 B . 10.26 -0.87 4.50
C2G PC1 B . 8.93 -0.17 4.62
C2H PC1 B . 8.92 1.17 3.91
C2I PC1 B . 7.51 1.73 3.73
C3 PC1 B . 11.95 -8.05 -2.68
O31 PC1 B . 10.59 -7.85 -3.17
C31 PC1 B . 9.47 -7.72 -2.19
O32 PC1 B . 8.29 -7.53 -2.60
C32 PC1 B . 9.78 -7.86 -0.69
C33 PC1 B . 8.51 -8.25 0.15
C34 PC1 B . 7.50 -7.09 0.28
C35 PC1 B . 6.02 -7.54 0.37
C36 PC1 B . 5.68 -8.09 1.76
C37 PC1 B . 4.58 -7.31 2.47
C38 PC1 B . 5.09 -6.52 3.70
C39 PC1 B . 5.34 -5.01 3.43
C3A PC1 B . 4.30 -4.37 2.51
C3B PC1 B . 3.90 -2.99 2.94
C3C PC1 B . 2.42 -2.94 3.27
C3D PC1 B . 1.59 -2.61 2.06
C3E PC1 B . 0.87 -1.28 2.22
C3F PC1 B . -0.59 -1.38 1.80
C3G PC1 B . -1.29 -0.07 2.03
C3H PC1 B . -2.71 -0.09 1.53
C3I PC1 B . -3.76 -0.41 2.61
C1 PC1 C . -15.90 13.54 -8.89
C2 PC1 C . -17.02 13.46 -7.83
O21 PC1 C . -17.99 14.53 -8.10
C21 PC1 C . -19.26 14.08 -8.74
O22 PC1 C . -19.37 13.98 -10.00
C22 PC1 C . -20.41 13.70 -7.76
C23 PC1 C . -21.63 14.62 -7.76
C24 PC1 C . -22.20 14.77 -6.37
C25 PC1 C . -23.66 15.19 -6.40
C26 PC1 C . -23.86 16.69 -6.17
C27 PC1 C . -24.46 17.03 -4.80
C28 PC1 C . -23.37 17.29 -3.80
C29 PC1 C . -23.87 17.65 -2.41
C2A PC1 C . -22.79 17.37 -1.35
C2B PC1 C . -23.16 16.22 -0.43
C2C PC1 C . -22.96 14.83 -1.07
C2D PC1 C . -24.29 14.21 -1.58
C2E PC1 C . -25.22 13.76 -0.46
C2F PC1 C . -26.48 14.63 -0.40
C2G PC1 C . -27.43 14.22 0.73
C2H PC1 C . -28.60 15.20 0.87
C2I PC1 C . -28.56 16.10 2.12
C3 PC1 C . -16.49 13.63 -6.37
O31 PC1 C . -16.24 12.34 -5.66
C31 PC1 C . -16.53 12.35 -4.19
O32 PC1 C . -15.86 13.01 -3.34
C32 PC1 C . -17.71 11.46 -3.75
C33 PC1 C . -19.10 11.88 -4.19
C34 PC1 C . -19.51 13.25 -3.73
C35 PC1 C . -19.78 13.27 -2.24
C36 PC1 C . -18.63 13.97 -1.54
C37 PC1 C . -18.08 13.13 -0.41
C38 PC1 C . -16.93 13.83 0.27
C39 PC1 C . -16.43 12.98 1.40
C3A PC1 C . -15.23 12.18 1.03
C3B PC1 C . -15.32 10.83 1.69
C3C PC1 C . -14.13 10.01 1.36
C3D PC1 C . -14.44 9.02 0.27
C3E PC1 C . -13.59 7.75 0.42
C3F PC1 C . -14.40 6.47 0.17
C3G PC1 C . -14.84 5.86 1.48
C3H PC1 C . -16.00 6.62 2.13
C3I PC1 C . -15.64 7.42 3.39
#